data_3VHO
#
_entry.id   3VHO
#
_cell.length_a   45.691
_cell.length_b   74.333
_cell.length_c   168.946
_cell.angle_alpha   90.00
_cell.angle_beta   90.00
_cell.angle_gamma   90.00
#
_symmetry.space_group_name_H-M   'P 21 21 21'
#
loop_
_entity.id
_entity.type
_entity.pdbx_description
1 polymer Endo-1,4-beta-glucanase
2 water water
#
_entity_poly.entity_id   1
_entity_poly.type   'polypeptide(L)'
_entity_poly.pdbx_seq_one_letter_code
;MGHHHHHHMVLMTKPGTSDFVWNGIPLSMELNLWNIKEYSGSVAMKFDGEKITFDADIQNLSPKEPERGGVLGYPEFYYG
YKPWENHTAEGSKLPVPVSSMKSFSVEVSFDIHHEPSLPLNFAMETWLTREKYQTEASIGDVEIMVWFYFNNLTPGGEKI
EEFTIPFVLNGESVEGTWELWLAEWGWDYLAFRLKDPVKKGRVKFDVRHFLDAAGKALSSSARVKDFEDLYFTVWEIGTE
FGSPETKSAQFGWKFENFSIDLEVRE
;
_entity_poly.pdbx_strand_id   A,B
#
# COMPACT_ATOMS: atom_id res chain seq x y z
N MET A 9 -4.10 -9.00 5.00
CA MET A 9 -5.37 -9.76 4.83
C MET A 9 -5.99 -9.56 3.44
N VAL A 10 -6.31 -8.32 3.05
CA VAL A 10 -6.87 -8.11 1.72
C VAL A 10 -6.05 -7.10 0.92
N LEU A 11 -5.70 -7.45 -0.30
CA LEU A 11 -4.95 -6.53 -1.15
C LEU A 11 -5.58 -6.59 -2.51
N MET A 12 -5.96 -5.44 -3.06
CA MET A 12 -6.55 -5.39 -4.39
C MET A 12 -5.77 -4.31 -5.15
N THR A 13 -5.51 -4.56 -6.43
CA THR A 13 -4.75 -3.60 -7.22
C THR A 13 -5.45 -3.33 -8.55
N LYS A 14 -6.72 -3.68 -8.62
CA LYS A 14 -7.51 -3.38 -9.80
C LYS A 14 -8.98 -3.29 -9.34
N PRO A 15 -9.86 -2.64 -10.12
CA PRO A 15 -11.25 -2.57 -9.64
C PRO A 15 -11.79 -3.93 -9.18
N GLY A 16 -12.49 -3.91 -8.05
CA GLY A 16 -13.06 -5.15 -7.54
C GLY A 16 -13.62 -4.99 -6.15
N THR A 17 -14.22 -6.06 -5.64
CA THR A 17 -14.83 -6.07 -4.29
C THR A 17 -14.35 -7.28 -3.50
N SER A 18 -14.12 -7.10 -2.19
CA SER A 18 -13.73 -8.22 -1.33
C SER A 18 -14.43 -8.01 0.02
N ASP A 19 -14.88 -9.10 0.64
CA ASP A 19 -15.45 -8.94 1.97
C ASP A 19 -14.34 -9.14 2.97
N PHE A 20 -14.54 -8.58 4.15
CA PHE A 20 -13.61 -8.69 5.26
C PHE A 20 -14.33 -8.53 6.60
N VAL A 21 -13.59 -8.69 7.67
CA VAL A 21 -14.16 -8.56 8.98
C VAL A 21 -13.21 -7.64 9.72
N TRP A 22 -13.77 -6.57 10.29
CA TRP A 22 -12.99 -5.61 11.02
C TRP A 22 -13.61 -5.45 12.41
N ASN A 23 -12.87 -5.82 13.43
CA ASN A 23 -13.36 -5.77 14.81
C ASN A 23 -14.69 -6.50 14.88
N GLY A 24 -14.76 -7.67 14.26
CA GLY A 24 -15.99 -8.44 14.31
C GLY A 24 -17.13 -7.94 13.44
N ILE A 25 -16.90 -6.85 12.71
CA ILE A 25 -17.93 -6.31 11.85
C ILE A 25 -17.68 -6.78 10.41
N PRO A 26 -18.66 -7.45 9.78
CA PRO A 26 -18.56 -7.95 8.41
C PRO A 26 -18.75 -6.74 7.51
N LEU A 27 -17.83 -6.60 6.56
CA LEU A 27 -17.78 -5.46 5.64
C LEU A 27 -17.34 -5.88 4.26
N SER A 28 -17.47 -4.93 3.34
CA SER A 28 -17.05 -5.14 1.97
C SER A 28 -16.18 -3.96 1.58
N MET A 29 -15.13 -4.22 0.83
CA MET A 29 -14.30 -3.12 0.35
C MET A 29 -14.36 -3.12 -1.15
N GLU A 30 -14.52 -1.94 -1.72
CA GLU A 30 -14.61 -1.91 -3.16
C GLU A 30 -13.67 -0.88 -3.75
N LEU A 31 -12.73 -1.32 -4.58
CA LEU A 31 -11.81 -0.39 -5.22
C LEU A 31 -12.68 -0.07 -6.41
N ASN A 32 -13.48 0.97 -6.20
CA ASN A 32 -14.50 1.40 -7.08
C ASN A 32 -14.12 2.52 -8.04
N LEU A 33 -13.92 2.18 -9.30
CA LEU A 33 -13.59 3.18 -10.33
C LEU A 33 -14.70 3.10 -11.36
N TRP A 34 -15.93 3.18 -10.87
CA TRP A 34 -17.08 2.99 -11.74
C TRP A 34 -17.20 3.86 -12.98
N ASN A 35 -16.81 5.13 -12.93
CA ASN A 35 -16.99 5.93 -14.12
C ASN A 35 -15.70 6.22 -14.84
N ILE A 36 -14.75 5.30 -14.77
CA ILE A 36 -13.50 5.54 -15.49
C ILE A 36 -13.39 4.56 -16.63
N LYS A 37 -13.35 5.13 -17.83
CA LYS A 37 -13.26 4.39 -19.08
C LYS A 37 -12.04 3.45 -19.11
N GLU A 38 -10.88 3.97 -18.73
CA GLU A 38 -9.63 3.21 -18.72
C GLU A 38 -8.64 4.11 -17.95
N TYR A 39 -7.53 3.54 -17.49
CA TYR A 39 -6.49 4.33 -16.83
C TYR A 39 -5.14 3.66 -16.98
N SER A 40 -4.09 4.46 -16.84
CA SER A 40 -2.72 3.98 -16.86
C SER A 40 -2.32 4.31 -15.40
N GLY A 41 -1.22 3.74 -14.93
CA GLY A 41 -0.82 4.00 -13.56
C GLY A 41 -1.28 2.94 -12.59
N SER A 42 -1.26 3.24 -11.30
CA SER A 42 -1.59 2.22 -10.29
C SER A 42 -2.58 2.64 -9.22
N VAL A 43 -3.27 1.62 -8.68
CA VAL A 43 -4.20 1.77 -7.57
C VAL A 43 -3.94 0.59 -6.63
N ALA A 44 -4.03 0.81 -5.34
CA ALA A 44 -3.85 -0.27 -4.38
C ALA A 44 -4.69 0.00 -3.15
N MET A 45 -5.51 -0.98 -2.79
CA MET A 45 -6.34 -0.82 -1.61
C MET A 45 -5.98 -2.00 -0.73
N LYS A 46 -5.77 -1.75 0.57
CA LYS A 46 -5.41 -2.82 1.47
C LYS A 46 -6.05 -2.78 2.84
N PHE A 47 -6.34 -3.97 3.38
CA PHE A 47 -6.85 -4.07 4.74
C PHE A 47 -5.91 -5.03 5.44
N ASP A 48 -5.34 -4.61 6.58
CA ASP A 48 -4.40 -5.47 7.29
C ASP A 48 -4.90 -5.99 8.63
N GLY A 49 -6.18 -5.80 8.91
CA GLY A 49 -6.80 -6.22 10.16
C GLY A 49 -7.06 -5.09 11.13
N GLU A 50 -6.37 -3.94 10.94
CA GLU A 50 -6.50 -2.79 11.83
C GLU A 50 -6.78 -1.49 11.07
N LYS A 51 -6.47 -1.48 9.78
CA LYS A 51 -6.70 -0.28 9.00
C LYS A 51 -6.91 -0.60 7.54
N ILE A 52 -7.60 0.30 6.84
CA ILE A 52 -7.83 0.13 5.41
C ILE A 52 -7.12 1.29 4.80
N THR A 53 -6.30 1.04 3.78
CA THR A 53 -5.61 2.13 3.13
C THR A 53 -5.90 2.06 1.62
N PHE A 54 -5.86 3.20 0.97
CA PHE A 54 -6.04 3.25 -0.48
C PHE A 54 -5.05 4.29 -1.03
N ASP A 55 -4.44 3.96 -2.17
CA ASP A 55 -3.53 4.84 -2.86
C ASP A 55 -3.75 4.77 -4.38
N ALA A 56 -3.71 5.93 -5.01
CA ALA A 56 -3.87 5.97 -6.46
C ALA A 56 -2.88 6.93 -7.10
N ASP A 57 -2.27 6.51 -8.19
CA ASP A 57 -1.46 7.42 -9.01
C ASP A 57 -1.80 6.92 -10.41
N ILE A 58 -2.91 7.44 -10.93
CA ILE A 58 -3.39 7.01 -12.23
C ILE A 58 -3.51 8.19 -13.20
N GLN A 59 -3.45 7.88 -14.49
CA GLN A 59 -3.53 8.92 -15.52
C GLN A 59 -4.35 8.35 -16.67
N ASN A 60 -4.40 9.08 -17.79
CA ASN A 60 -5.17 8.71 -18.98
C ASN A 60 -6.67 8.56 -18.68
N LEU A 61 -7.18 9.40 -17.77
CA LEU A 61 -8.58 9.27 -17.39
C LEU A 61 -9.52 10.05 -18.24
N SER A 62 -10.71 9.47 -18.43
CA SER A 62 -11.84 10.08 -19.13
C SER A 62 -13.12 9.40 -18.61
N PRO A 63 -14.24 10.14 -18.56
CA PRO A 63 -15.49 9.52 -18.06
C PRO A 63 -16.02 8.35 -18.91
N LYS A 64 -16.54 7.32 -18.24
CA LYS A 64 -17.14 6.18 -18.93
C LYS A 64 -18.46 6.69 -19.54
N GLU A 65 -19.18 7.53 -18.79
CA GLU A 65 -20.46 8.14 -19.24
C GLU A 65 -20.26 9.65 -19.23
N PRO A 66 -19.61 10.20 -20.27
CA PRO A 66 -19.33 11.64 -20.35
C PRO A 66 -20.47 12.59 -19.97
N GLU A 67 -21.56 12.51 -20.73
CA GLU A 67 -22.70 13.39 -20.51
C GLU A 67 -23.31 13.47 -19.11
N ARG A 68 -23.11 12.44 -18.29
CA ARG A 68 -23.65 12.46 -16.93
C ARG A 68 -22.86 13.44 -16.06
N GLY A 69 -21.68 13.85 -16.55
CA GLY A 69 -20.85 14.76 -15.78
C GLY A 69 -20.57 14.10 -14.43
N GLY A 70 -20.14 14.83 -13.42
CA GLY A 70 -19.91 14.18 -12.16
C GLY A 70 -18.56 13.49 -11.98
N VAL A 71 -18.41 12.83 -10.85
CA VAL A 71 -17.15 12.18 -10.49
C VAL A 71 -16.73 10.94 -11.31
N LEU A 72 -15.48 10.51 -11.13
CA LEU A 72 -14.91 9.39 -11.87
C LEU A 72 -14.92 8.09 -11.05
N GLY A 73 -14.81 8.16 -9.72
CA GLY A 73 -14.78 6.94 -8.96
C GLY A 73 -15.11 7.20 -7.50
N TYR A 74 -15.15 6.10 -6.71
CA TYR A 74 -15.50 6.21 -5.31
C TYR A 74 -14.94 5.01 -4.48
N PRO A 75 -13.59 4.90 -4.37
CA PRO A 75 -12.92 3.83 -3.60
C PRO A 75 -13.55 3.91 -2.22
N GLU A 76 -13.97 2.76 -1.67
CA GLU A 76 -14.76 2.81 -0.43
C GLU A 76 -14.85 1.45 0.26
N PHE A 77 -15.43 1.45 1.46
CA PHE A 77 -15.79 0.18 2.14
C PHE A 77 -17.21 0.42 2.67
N TYR A 78 -17.97 -0.64 2.94
CA TYR A 78 -19.33 -0.41 3.40
C TYR A 78 -19.86 -1.53 4.23
N TYR A 79 -20.89 -1.23 5.02
CA TYR A 79 -21.55 -2.20 5.86
C TYR A 79 -22.94 -2.31 5.28
N GLY A 80 -23.40 -3.52 5.01
CA GLY A 80 -24.72 -3.69 4.46
C GLY A 80 -24.77 -4.10 3.01
N TYR A 81 -25.95 -3.89 2.44
CA TYR A 81 -26.27 -4.27 1.09
C TYR A 81 -26.23 -3.08 0.13
N LYS A 82 -25.30 -3.10 -0.82
CA LYS A 82 -25.20 -2.03 -1.81
C LYS A 82 -26.10 -2.48 -3.02
N PRO A 83 -27.27 -1.86 -3.20
CA PRO A 83 -28.19 -2.26 -4.29
C PRO A 83 -27.61 -2.37 -5.69
N TRP A 84 -26.78 -1.40 -6.07
CA TRP A 84 -26.20 -1.42 -7.42
C TRP A 84 -25.23 -2.56 -7.64
N GLU A 85 -24.81 -3.24 -6.59
CA GLU A 85 -23.91 -4.37 -6.78
C GLU A 85 -24.54 -5.70 -6.36
N ASN A 86 -25.78 -5.66 -5.84
CA ASN A 86 -26.50 -6.82 -5.30
C ASN A 86 -25.56 -7.57 -4.41
N HIS A 87 -24.91 -6.82 -3.52
CA HIS A 87 -23.96 -7.46 -2.65
C HIS A 87 -23.92 -6.95 -1.23
N THR A 88 -23.73 -7.91 -0.34
CA THR A 88 -23.57 -7.62 1.05
C THR A 88 -22.68 -8.72 1.59
N ALA A 89 -21.86 -8.36 2.58
CA ALA A 89 -21.04 -9.37 3.22
C ALA A 89 -22.05 -10.15 4.08
N GLU A 90 -21.71 -11.38 4.45
CA GLU A 90 -22.60 -12.23 5.28
C GLU A 90 -22.66 -11.76 6.73
N GLY A 91 -23.84 -11.86 7.35
CA GLY A 91 -24.02 -11.49 8.75
C GLY A 91 -24.31 -10.04 9.07
N SER A 92 -24.73 -9.28 8.07
CA SER A 92 -25.01 -7.85 8.27
C SER A 92 -26.41 -7.73 8.86
N LYS A 93 -26.69 -6.64 9.57
CA LYS A 93 -28.05 -6.44 10.09
C LYS A 93 -28.85 -5.54 9.13
N LEU A 94 -28.19 -4.89 8.16
CA LEU A 94 -28.95 -4.06 7.23
C LEU A 94 -29.35 -4.95 6.07
N PRO A 95 -30.38 -4.60 5.31
CA PRO A 95 -31.25 -3.41 5.41
C PRO A 95 -32.26 -3.48 6.55
N VAL A 96 -32.70 -2.33 7.01
CA VAL A 96 -33.79 -2.21 7.99
C VAL A 96 -34.60 -1.02 7.48
N PRO A 97 -35.89 -1.00 7.83
CA PRO A 97 -36.68 0.15 7.37
C PRO A 97 -36.28 1.35 8.19
N VAL A 98 -36.32 2.53 7.58
CA VAL A 98 -35.98 3.76 8.27
C VAL A 98 -36.74 3.91 9.60
N SER A 99 -38.04 3.68 9.56
CA SER A 99 -38.92 3.80 10.71
C SER A 99 -38.47 2.93 11.88
N SER A 100 -37.72 1.87 11.61
CA SER A 100 -37.28 0.99 12.68
C SER A 100 -35.96 1.46 13.33
N MET A 101 -35.28 2.40 12.66
CA MET A 101 -34.01 2.88 13.19
C MET A 101 -34.10 3.94 14.27
N LYS A 102 -33.76 3.54 15.50
CA LYS A 102 -33.77 4.50 16.59
C LYS A 102 -32.43 5.20 16.43
N SER A 103 -31.37 4.44 16.16
CA SER A 103 -30.08 5.09 15.98
C SER A 103 -29.08 4.20 15.24
N PHE A 104 -28.11 4.86 14.62
CA PHE A 104 -27.08 4.17 13.84
C PHE A 104 -25.87 5.06 13.92
N SER A 105 -25.00 4.81 14.87
CA SER A 105 -23.83 5.68 14.98
C SER A 105 -22.68 5.12 14.22
N VAL A 106 -21.87 6.04 13.72
CA VAL A 106 -20.74 5.66 12.93
C VAL A 106 -19.56 6.40 13.50
N GLU A 107 -18.47 5.69 13.72
CA GLU A 107 -17.26 6.35 14.22
C GLU A 107 -16.09 5.84 13.39
N VAL A 108 -15.19 6.75 12.99
CA VAL A 108 -14.02 6.36 12.23
C VAL A 108 -12.95 7.47 12.29
N SER A 109 -11.67 7.09 12.22
CA SER A 109 -10.54 8.05 12.14
C SER A 109 -10.13 8.05 10.68
N PHE A 110 -9.78 9.21 10.14
CA PHE A 110 -9.43 9.23 8.72
C PHE A 110 -8.33 10.21 8.49
N ASP A 111 -7.61 10.00 7.40
CA ASP A 111 -6.51 10.89 7.02
C ASP A 111 -6.46 10.77 5.50
N ILE A 112 -6.76 11.89 4.85
CA ILE A 112 -6.83 11.93 3.39
C ILE A 112 -5.77 12.88 2.85
N HIS A 113 -5.10 12.48 1.78
CA HIS A 113 -4.09 13.33 1.17
C HIS A 113 -4.35 13.33 -0.32
N HIS A 114 -4.03 14.43 -0.98
CA HIS A 114 -4.29 14.49 -2.40
C HIS A 114 -3.55 15.67 -3.01
N GLU A 115 -3.26 15.55 -4.31
CA GLU A 115 -2.62 16.64 -5.04
C GLU A 115 -3.60 17.81 -4.89
N PRO A 116 -3.10 19.04 -4.78
CA PRO A 116 -3.99 20.20 -4.59
C PRO A 116 -5.21 20.53 -5.45
N SER A 117 -5.14 20.26 -6.73
CA SER A 117 -6.26 20.61 -7.59
C SER A 117 -7.32 19.57 -7.77
N LEU A 118 -7.10 18.36 -7.24
CA LEU A 118 -8.04 17.27 -7.47
C LEU A 118 -9.42 17.35 -6.88
N PRO A 119 -10.47 17.26 -7.73
CA PRO A 119 -11.84 17.31 -7.22
C PRO A 119 -11.96 16.02 -6.41
N LEU A 120 -12.23 16.18 -5.13
CA LEU A 120 -12.34 15.08 -4.22
C LEU A 120 -13.16 15.40 -2.99
N ASN A 121 -13.73 14.35 -2.41
CA ASN A 121 -14.43 14.53 -1.18
C ASN A 121 -14.21 13.30 -0.28
N PHE A 122 -14.60 13.45 0.98
CA PHE A 122 -14.59 12.34 1.92
C PHE A 122 -16.09 12.28 2.16
N ALA A 123 -16.73 11.26 1.62
CA ALA A 123 -18.18 11.15 1.70
C ALA A 123 -18.66 9.75 2.11
N MET A 124 -19.74 9.73 2.87
CA MET A 124 -20.37 8.46 3.25
C MET A 124 -21.75 8.56 2.64
N GLU A 125 -22.43 7.44 2.44
CA GLU A 125 -23.77 7.54 1.89
C GLU A 125 -24.53 6.27 2.09
N THR A 126 -25.85 6.37 1.91
CA THR A 126 -26.73 5.22 1.95
C THR A 126 -27.67 5.33 0.77
N TRP A 127 -28.40 4.26 0.54
CA TRP A 127 -29.40 4.20 -0.51
C TRP A 127 -30.69 3.80 0.22
N LEU A 128 -31.76 4.58 0.09
CA LEU A 128 -33.03 4.25 0.68
C LEU A 128 -33.91 3.76 -0.50
N THR A 129 -34.37 2.52 -0.41
CA THR A 129 -35.14 1.91 -1.48
C THR A 129 -36.53 1.41 -1.01
N ARG A 130 -37.45 1.33 -1.96
CA ARG A 130 -38.81 0.92 -1.70
C ARG A 130 -38.89 -0.55 -1.31
N GLU A 131 -38.11 -1.37 -2.01
CA GLU A 131 -38.03 -2.80 -1.71
C GLU A 131 -36.67 -3.03 -1.04
N LYS A 132 -36.60 -4.08 -0.23
CA LYS A 132 -35.42 -4.35 0.55
C LYS A 132 -34.12 -4.64 -0.20
N TYR A 133 -34.23 -5.49 -1.22
CA TYR A 133 -33.06 -5.88 -1.97
C TYR A 133 -33.17 -5.54 -3.45
N GLN A 134 -33.30 -4.26 -3.76
CA GLN A 134 -33.38 -3.87 -5.18
C GLN A 134 -31.98 -4.02 -5.81
N THR A 135 -31.90 -4.00 -7.14
CA THR A 135 -30.60 -4.08 -7.81
C THR A 135 -30.32 -2.73 -8.48
N GLU A 136 -31.21 -1.77 -8.28
CA GLU A 136 -31.03 -0.42 -8.83
C GLU A 136 -31.88 0.56 -8.03
N ALA A 137 -31.62 1.86 -8.20
CA ALA A 137 -32.45 2.85 -7.50
C ALA A 137 -33.15 3.64 -8.60
N SER A 138 -34.43 3.92 -8.44
CA SER A 138 -35.12 4.71 -9.45
C SER A 138 -36.12 5.65 -8.79
N ILE A 139 -37.01 6.25 -9.57
CA ILE A 139 -37.95 7.22 -9.03
C ILE A 139 -38.69 6.65 -7.84
N GLY A 140 -38.51 7.30 -6.70
CA GLY A 140 -39.14 6.85 -5.48
C GLY A 140 -38.05 6.48 -4.46
N ASP A 141 -36.82 6.30 -4.94
CA ASP A 141 -35.69 5.95 -4.08
C ASP A 141 -34.81 7.17 -3.82
N VAL A 142 -33.95 7.06 -2.80
CA VAL A 142 -33.09 8.18 -2.44
C VAL A 142 -31.65 7.75 -2.18
N GLU A 143 -30.74 8.62 -2.60
CA GLU A 143 -29.31 8.46 -2.34
C GLU A 143 -29.03 9.62 -1.36
N ILE A 144 -28.47 9.32 -0.20
CA ILE A 144 -28.17 10.38 0.75
C ILE A 144 -26.69 10.28 1.10
N MET A 145 -25.96 11.37 0.87
CA MET A 145 -24.54 11.44 1.17
C MET A 145 -24.26 12.43 2.29
N VAL A 146 -23.17 12.21 3.00
CA VAL A 146 -22.73 13.05 4.10
C VAL A 146 -21.26 13.31 3.80
N TRP A 147 -20.90 14.57 3.45
CA TRP A 147 -19.53 14.93 3.12
C TRP A 147 -18.81 15.65 4.26
N PHE A 148 -17.81 15.00 4.86
CA PHE A 148 -17.02 15.64 5.94
C PHE A 148 -15.89 16.45 5.33
N TYR A 149 -15.58 16.22 4.06
CA TYR A 149 -14.50 16.99 3.43
C TYR A 149 -14.71 17.15 1.92
N PHE A 150 -14.19 18.23 1.35
CA PHE A 150 -14.27 18.35 -0.08
C PHE A 150 -13.12 19.29 -0.48
N ASN A 151 -12.64 19.13 -1.72
CA ASN A 151 -11.60 19.97 -2.26
C ASN A 151 -12.01 20.12 -3.74
N ASN A 152 -12.24 21.37 -4.16
CA ASN A 152 -12.58 21.70 -5.55
C ASN A 152 -13.66 20.78 -6.12
N LEU A 153 -14.80 20.73 -5.43
CA LEU A 153 -15.87 19.82 -5.81
C LEU A 153 -17.12 20.22 -5.09
N THR A 154 -18.22 20.37 -5.82
CA THR A 154 -19.51 20.71 -5.25
C THR A 154 -20.39 19.47 -5.47
N PRO A 155 -21.46 19.31 -4.67
CA PRO A 155 -22.34 18.16 -4.86
C PRO A 155 -23.15 18.39 -6.13
N GLY A 156 -23.84 17.35 -6.58
CA GLY A 156 -24.72 17.52 -7.72
C GLY A 156 -25.93 18.35 -7.29
N GLY A 157 -26.78 18.74 -8.25
CA GLY A 157 -27.99 19.51 -7.94
C GLY A 157 -27.70 20.93 -7.50
N GLU A 158 -28.50 21.46 -6.57
CA GLU A 158 -28.29 22.79 -6.05
C GLU A 158 -28.57 22.83 -4.56
N LYS A 159 -27.92 23.76 -3.88
CA LYS A 159 -28.10 23.94 -2.46
C LYS A 159 -29.54 24.41 -2.19
N ILE A 160 -30.23 23.76 -1.25
CA ILE A 160 -31.61 24.16 -0.91
C ILE A 160 -31.87 24.51 0.56
N GLU A 161 -30.91 24.26 1.43
CA GLU A 161 -31.17 24.53 2.85
C GLU A 161 -29.88 24.26 3.62
N GLU A 162 -29.80 24.75 4.85
CA GLU A 162 -28.67 24.48 5.73
C GLU A 162 -29.25 23.87 6.99
N PHE A 163 -28.53 22.91 7.57
CA PHE A 163 -28.97 22.23 8.80
C PHE A 163 -27.86 22.26 9.82
N THR A 164 -28.20 22.46 11.09
CA THR A 164 -27.20 22.39 12.14
C THR A 164 -27.31 20.95 12.64
N ILE A 165 -26.25 20.16 12.56
CA ILE A 165 -26.29 18.76 13.00
C ILE A 165 -25.05 18.48 13.84
N PRO A 166 -25.22 17.95 15.06
CA PRO A 166 -24.09 17.66 15.94
C PRO A 166 -23.29 16.41 15.60
N PHE A 167 -22.04 16.38 16.06
CA PHE A 167 -21.18 15.21 15.89
C PHE A 167 -20.03 15.43 16.82
N VAL A 168 -19.23 14.38 17.01
CA VAL A 168 -18.09 14.45 17.90
C VAL A 168 -16.87 14.45 17.02
N LEU A 169 -16.09 15.50 17.15
CA LEU A 169 -14.89 15.65 16.35
C LEU A 169 -13.69 15.61 17.26
N ASN A 170 -12.83 14.61 17.04
CA ASN A 170 -11.62 14.42 17.84
C ASN A 170 -11.98 14.41 19.31
N GLY A 171 -13.08 13.73 19.62
CA GLY A 171 -13.55 13.58 21.01
C GLY A 171 -14.33 14.75 21.60
N GLU A 172 -14.50 15.82 20.82
CA GLU A 172 -15.25 17.00 21.33
C GLU A 172 -16.62 17.15 20.66
N SER A 173 -17.66 17.40 21.45
CA SER A 173 -18.99 17.61 20.87
C SER A 173 -19.03 18.96 20.20
N VAL A 174 -19.40 18.97 18.91
CA VAL A 174 -19.47 20.22 18.13
C VAL A 174 -20.76 20.26 17.34
N GLU A 175 -21.09 21.43 16.80
CA GLU A 175 -22.30 21.58 15.99
C GLU A 175 -21.87 21.89 14.59
N GLY A 176 -22.07 20.98 13.65
CA GLY A 176 -21.67 21.33 12.28
C GLY A 176 -22.77 22.04 11.55
N THR A 177 -22.42 22.83 10.54
CA THR A 177 -23.41 23.48 9.69
C THR A 177 -23.30 22.73 8.35
N TRP A 178 -24.40 22.15 7.92
CA TRP A 178 -24.39 21.35 6.70
C TRP A 178 -25.29 21.93 5.61
N GLU A 179 -24.71 22.10 4.43
CA GLU A 179 -25.49 22.56 3.28
C GLU A 179 -26.11 21.30 2.69
N LEU A 180 -27.40 21.33 2.43
CA LEU A 180 -28.08 20.20 1.81
C LEU A 180 -28.28 20.55 0.35
N TRP A 181 -27.74 19.68 -0.52
CA TRP A 181 -27.84 19.85 -1.96
C TRP A 181 -28.78 18.79 -2.45
N LEU A 182 -29.64 19.16 -3.40
CA LEU A 182 -30.63 18.23 -3.92
C LEU A 182 -30.66 18.22 -5.43
N ALA A 183 -30.80 17.03 -6.01
CA ALA A 183 -30.89 16.88 -7.46
C ALA A 183 -31.92 15.79 -7.73
N GLU A 184 -32.82 16.02 -8.69
CA GLU A 184 -33.76 14.97 -9.00
C GLU A 184 -33.25 14.42 -10.30
N TRP A 185 -32.60 13.26 -10.21
CA TRP A 185 -32.10 12.58 -11.39
C TRP A 185 -32.98 11.33 -11.53
N GLY A 186 -32.37 10.20 -11.84
CA GLY A 186 -33.15 8.96 -11.96
C GLY A 186 -33.71 8.56 -10.61
N TRP A 187 -33.16 9.15 -9.56
CA TRP A 187 -33.61 8.91 -8.18
C TRP A 187 -33.32 10.26 -7.53
N ASP A 188 -33.69 10.42 -6.28
CA ASP A 188 -33.44 11.69 -5.61
C ASP A 188 -32.07 11.65 -4.96
N TYR A 189 -31.24 12.64 -5.32
CA TYR A 189 -29.90 12.73 -4.75
C TYR A 189 -29.90 13.86 -3.70
N LEU A 190 -29.49 13.54 -2.48
CA LEU A 190 -29.36 14.54 -1.42
C LEU A 190 -27.96 14.44 -0.89
N ALA A 191 -27.27 15.58 -0.81
CA ALA A 191 -25.92 15.56 -0.25
C ALA A 191 -25.79 16.63 0.83
N PHE A 192 -25.43 16.20 2.04
CA PHE A 192 -25.20 17.16 3.11
C PHE A 192 -23.68 17.42 3.13
N ARG A 193 -23.28 18.68 2.95
CA ARG A 193 -21.85 18.99 2.89
C ARG A 193 -21.46 19.89 4.05
N LEU A 194 -20.50 19.44 4.86
CA LEU A 194 -20.06 20.16 6.04
C LEU A 194 -19.36 21.45 5.61
N LYS A 195 -19.79 22.57 6.20
CA LYS A 195 -19.22 23.87 5.85
C LYS A 195 -17.76 24.09 6.23
N ASP A 196 -17.29 23.40 7.26
CA ASP A 196 -15.87 23.53 7.66
C ASP A 196 -15.31 22.12 7.45
N PRO A 197 -14.90 21.84 6.21
CA PRO A 197 -14.37 20.51 5.88
C PRO A 197 -13.16 20.11 6.68
N VAL A 198 -13.09 18.83 6.99
CA VAL A 198 -12.02 18.25 7.79
C VAL A 198 -11.33 17.20 6.92
N LYS A 199 -10.03 17.38 6.74
CA LYS A 199 -9.21 16.50 5.89
C LYS A 199 -8.65 15.28 6.61
N LYS A 200 -8.58 15.42 7.92
CA LYS A 200 -7.98 14.42 8.80
C LYS A 200 -8.52 14.59 10.23
N GLY A 201 -8.84 13.49 10.88
CA GLY A 201 -9.36 13.58 12.25
C GLY A 201 -10.18 12.35 12.61
N ARG A 202 -11.02 12.47 13.64
CA ARG A 202 -11.89 11.38 14.03
C ARG A 202 -13.30 11.95 14.21
N VAL A 203 -14.32 11.27 13.69
CA VAL A 203 -15.70 11.73 13.86
C VAL A 203 -16.59 10.61 14.32
N LYS A 204 -17.58 10.93 15.15
CA LYS A 204 -18.58 9.96 15.57
C LYS A 204 -19.86 10.75 15.45
N PHE A 205 -20.87 10.14 14.81
CA PHE A 205 -22.11 10.85 14.60
C PHE A 205 -23.19 9.83 14.37
N ASP A 206 -24.46 10.29 14.45
CA ASP A 206 -25.62 9.41 14.29
C ASP A 206 -26.30 9.68 12.97
N VAL A 207 -26.35 8.66 12.13
CA VAL A 207 -26.95 8.78 10.84
C VAL A 207 -28.41 9.21 10.94
N ARG A 208 -29.06 8.84 12.04
CA ARG A 208 -30.47 9.20 12.24
C ARG A 208 -30.76 10.70 12.07
N HIS A 209 -29.82 11.56 12.48
CA HIS A 209 -30.01 13.00 12.34
C HIS A 209 -30.09 13.40 10.84
N PHE A 210 -29.30 12.74 10.01
CA PHE A 210 -29.32 13.02 8.58
C PHE A 210 -30.57 12.48 7.95
N LEU A 211 -31.00 11.30 8.39
CA LEU A 211 -32.24 10.74 7.86
C LEU A 211 -33.41 11.63 8.30
N ASP A 212 -33.35 12.21 9.51
CA ASP A 212 -34.45 13.10 9.97
C ASP A 212 -34.52 14.37 9.07
N ALA A 213 -33.36 14.94 8.80
CA ALA A 213 -33.26 16.13 7.96
C ALA A 213 -33.74 15.82 6.53
N ALA A 214 -33.28 14.71 5.97
CA ALA A 214 -33.68 14.34 4.61
C ALA A 214 -35.22 14.22 4.51
N GLY A 215 -35.80 13.54 5.50
CA GLY A 215 -37.24 13.35 5.54
C GLY A 215 -37.97 14.68 5.60
N LYS A 216 -37.48 15.65 6.36
CA LYS A 216 -38.14 16.95 6.38
C LYS A 216 -38.00 17.60 4.99
N ALA A 217 -36.81 17.53 4.40
CA ALA A 217 -36.59 18.12 3.08
C ALA A 217 -37.37 17.46 1.93
N LEU A 218 -37.76 16.19 2.13
CA LEU A 218 -38.54 15.45 1.13
C LEU A 218 -40.04 15.29 1.47
N SER A 219 -40.52 15.95 2.52
CA SER A 219 -41.94 15.78 2.87
C SER A 219 -42.89 16.30 1.78
N SER A 220 -42.45 17.30 1.00
CA SER A 220 -43.34 17.84 -0.04
C SER A 220 -43.07 17.25 -1.42
N SER A 221 -42.16 16.29 -1.50
CA SER A 221 -41.81 15.67 -2.78
C SER A 221 -42.92 14.94 -3.55
N ALA A 222 -42.92 15.13 -4.88
CA ALA A 222 -43.88 14.46 -5.76
C ALA A 222 -43.31 13.11 -6.22
N ARG A 223 -42.02 12.86 -5.94
CA ARG A 223 -41.36 11.61 -6.34
C ARG A 223 -41.15 10.65 -5.16
N VAL A 224 -40.60 11.15 -4.06
CA VAL A 224 -40.38 10.30 -2.88
C VAL A 224 -41.60 10.34 -1.99
N LYS A 225 -42.14 9.18 -1.66
CA LYS A 225 -43.31 9.06 -0.81
C LYS A 225 -42.99 8.13 0.35
N ASP A 226 -43.74 8.25 1.43
CA ASP A 226 -43.59 7.39 2.60
C ASP A 226 -42.12 7.14 2.95
N PHE A 227 -41.39 8.25 3.09
CA PHE A 227 -39.96 8.24 3.39
C PHE A 227 -39.57 7.26 4.50
N GLU A 228 -40.30 7.28 5.63
CA GLU A 228 -39.96 6.38 6.74
C GLU A 228 -40.17 4.89 6.41
N ASP A 229 -40.87 4.58 5.32
CA ASP A 229 -41.07 3.18 5.00
C ASP A 229 -39.96 2.63 4.10
N LEU A 230 -39.06 3.48 3.64
CA LEU A 230 -37.99 3.03 2.76
C LEU A 230 -37.02 2.20 3.58
N TYR A 231 -36.19 1.43 2.89
CA TYR A 231 -35.21 0.61 3.57
C TYR A 231 -33.84 1.25 3.56
N PHE A 232 -33.23 1.33 4.72
CA PHE A 232 -31.87 1.87 4.90
C PHE A 232 -31.01 0.62 4.60
N THR A 233 -30.42 0.60 3.40
CA THR A 233 -29.70 -0.58 2.96
C THR A 233 -28.24 -0.77 3.27
N VAL A 234 -27.53 0.33 3.42
CA VAL A 234 -26.08 0.23 3.50
C VAL A 234 -25.49 1.53 4.07
N TRP A 235 -24.26 1.45 4.55
CA TRP A 235 -23.55 2.66 4.92
C TRP A 235 -22.18 2.53 4.24
N GLU A 236 -21.95 3.38 3.22
CA GLU A 236 -20.71 3.42 2.43
C GLU A 236 -19.83 4.56 2.93
N ILE A 237 -18.52 4.34 2.95
CA ILE A 237 -17.53 5.32 3.41
C ILE A 237 -16.39 5.30 2.43
N GLY A 238 -16.09 6.43 1.79
CA GLY A 238 -15.00 6.47 0.83
C GLY A 238 -14.73 7.88 0.37
N THR A 239 -14.09 8.01 -0.78
CA THR A 239 -13.76 9.35 -1.33
C THR A 239 -14.11 9.41 -2.82
N GLU A 240 -15.07 10.23 -3.19
CA GLU A 240 -15.36 10.39 -4.63
C GLU A 240 -14.23 11.27 -5.16
N PHE A 241 -13.88 11.14 -6.44
CA PHE A 241 -12.86 12.00 -7.00
C PHE A 241 -13.08 12.15 -8.47
N GLY A 242 -12.48 13.20 -9.00
CA GLY A 242 -12.56 13.44 -10.42
C GLY A 242 -13.73 14.24 -10.90
N SER A 243 -13.62 14.64 -12.17
CA SER A 243 -14.62 15.47 -12.83
C SER A 243 -14.43 15.18 -14.31
N PRO A 244 -15.36 15.64 -15.17
CA PRO A 244 -15.18 15.35 -16.60
C PRO A 244 -13.85 15.80 -17.17
N GLU A 245 -13.21 16.79 -16.56
CA GLU A 245 -11.94 17.28 -17.10
C GLU A 245 -10.66 16.79 -16.40
N THR A 246 -10.81 15.95 -15.38
CA THR A 246 -9.66 15.42 -14.65
C THR A 246 -9.00 14.31 -15.48
N LYS A 247 -7.75 14.51 -15.89
CA LYS A 247 -7.07 13.48 -16.69
C LYS A 247 -6.14 12.54 -15.88
N SER A 248 -5.82 12.93 -14.65
CA SER A 248 -4.96 12.11 -13.80
C SER A 248 -5.34 12.37 -12.34
N ALA A 249 -5.05 11.42 -11.48
CA ALA A 249 -5.40 11.61 -10.08
C ALA A 249 -4.36 10.96 -9.21
N GLN A 250 -3.85 11.72 -8.24
CA GLN A 250 -2.90 11.20 -7.27
C GLN A 250 -3.42 11.58 -5.88
N PHE A 251 -3.81 10.57 -5.10
CA PHE A 251 -4.34 10.77 -3.74
C PHE A 251 -4.37 9.43 -3.01
N GLY A 252 -4.72 9.48 -1.74
CA GLY A 252 -4.80 8.27 -0.96
C GLY A 252 -5.42 8.57 0.38
N TRP A 253 -5.71 7.52 1.15
CA TRP A 253 -6.27 7.74 2.44
C TRP A 253 -6.06 6.52 3.33
N LYS A 254 -6.36 6.73 4.59
CA LYS A 254 -6.23 5.68 5.58
C LYS A 254 -7.42 5.84 6.52
N PHE A 255 -8.13 4.74 6.83
CA PHE A 255 -9.25 4.78 7.77
C PHE A 255 -8.88 3.80 8.87
N GLU A 256 -9.14 4.21 10.10
CA GLU A 256 -8.84 3.38 11.26
C GLU A 256 -9.93 3.61 12.30
N ASN A 257 -9.88 2.84 13.39
CA ASN A 257 -10.78 3.06 14.51
C ASN A 257 -12.24 3.12 14.14
N PHE A 258 -12.66 2.20 13.29
CA PHE A 258 -14.02 2.14 12.81
C PHE A 258 -14.98 1.32 13.67
N SER A 259 -16.18 1.83 13.87
CA SER A 259 -17.20 1.08 14.56
C SER A 259 -18.57 1.67 14.22
N ILE A 260 -19.57 0.82 14.33
CA ILE A 260 -20.94 1.22 14.04
C ILE A 260 -21.83 0.58 15.08
N ASP A 261 -22.93 1.25 15.42
CA ASP A 261 -23.85 0.68 16.39
C ASP A 261 -25.21 1.00 15.90
N LEU A 262 -25.93 -0.06 15.57
CA LEU A 262 -27.29 0.00 15.07
C LEU A 262 -28.26 -0.39 16.18
N GLU A 263 -29.26 0.45 16.45
CA GLU A 263 -30.28 0.13 17.45
C GLU A 263 -31.63 0.23 16.73
N VAL A 264 -32.34 -0.90 16.60
CA VAL A 264 -33.64 -0.88 15.94
C VAL A 264 -34.81 -1.12 16.92
N MET B 9 6.36 10.90 -4.39
CA MET B 9 5.82 9.56 -3.97
C MET B 9 5.77 8.57 -5.15
N VAL B 10 5.82 7.27 -4.82
CA VAL B 10 5.88 6.22 -5.82
C VAL B 10 4.98 5.04 -5.44
N LEU B 11 4.22 4.58 -6.43
CA LEU B 11 3.35 3.44 -6.26
C LEU B 11 3.48 2.57 -7.48
N MET B 12 3.86 1.30 -7.28
CA MET B 12 3.97 0.36 -8.39
C MET B 12 3.16 -0.88 -8.01
N THR B 13 2.47 -1.45 -9.01
CA THR B 13 1.65 -2.65 -8.83
C THR B 13 1.95 -3.73 -9.87
N LYS B 14 3.11 -3.59 -10.47
CA LYS B 14 3.62 -4.58 -11.40
C LYS B 14 5.14 -4.43 -11.43
N PRO B 15 5.85 -5.47 -11.91
CA PRO B 15 7.30 -5.41 -11.96
C PRO B 15 7.73 -4.16 -12.62
N GLY B 16 8.80 -3.56 -12.10
CA GLY B 16 9.30 -2.32 -12.70
C GLY B 16 10.29 -1.67 -11.74
N THR B 17 10.85 -0.53 -12.14
CA THR B 17 11.83 0.21 -11.33
C THR B 17 11.51 1.72 -11.38
N SER B 18 11.61 2.40 -10.24
CA SER B 18 11.39 3.84 -10.22
C SER B 18 12.44 4.42 -9.32
N ASP B 19 13.04 5.52 -9.73
CA ASP B 19 14.03 6.17 -8.88
C ASP B 19 13.25 7.05 -7.91
N PHE B 20 13.82 7.33 -6.74
CA PHE B 20 13.14 8.26 -5.83
C PHE B 20 14.22 8.88 -4.98
N VAL B 21 13.81 9.71 -4.02
CA VAL B 21 14.79 10.34 -3.15
C VAL B 21 14.18 10.26 -1.75
N TRP B 22 14.97 9.84 -0.80
CA TRP B 22 14.47 9.64 0.57
C TRP B 22 15.47 10.29 1.51
N ASN B 23 15.04 11.30 2.26
CA ASN B 23 15.96 11.97 3.20
C ASN B 23 17.19 12.45 2.41
N GLY B 24 16.94 12.97 1.21
CA GLY B 24 18.01 13.48 0.37
C GLY B 24 18.89 12.47 -0.34
N ILE B 25 18.63 11.18 -0.15
CA ILE B 25 19.45 10.15 -0.75
C ILE B 25 18.78 9.62 -2.02
N PRO B 26 19.48 9.65 -3.17
CA PRO B 26 18.87 9.14 -4.41
C PRO B 26 18.90 7.63 -4.39
N LEU B 27 17.75 7.02 -4.66
CA LEU B 27 17.58 5.59 -4.63
C LEU B 27 16.74 5.08 -5.79
N SER B 28 16.70 3.75 -5.94
CA SER B 28 15.90 3.09 -6.96
C SER B 28 15.09 2.04 -6.23
N MET B 29 13.82 1.87 -6.59
CA MET B 29 13.01 0.83 -5.97
C MET B 29 12.61 -0.06 -7.10
N GLU B 30 12.66 -1.36 -6.84
CA GLU B 30 12.37 -2.36 -7.84
C GLU B 30 11.41 -3.42 -7.33
N LEU B 31 10.23 -3.48 -7.95
CA LEU B 31 9.28 -4.49 -7.60
C LEU B 31 9.85 -5.56 -8.54
N ASN B 32 10.72 -6.37 -8.00
CA ASN B 32 11.49 -7.37 -8.76
C ASN B 32 10.94 -8.77 -8.56
N LEU B 33 10.31 -9.30 -9.60
CA LEU B 33 9.75 -10.68 -9.53
C LEU B 33 10.48 -11.41 -10.67
N TRP B 34 11.79 -11.26 -10.70
CA TRP B 34 12.63 -11.77 -11.79
C TRP B 34 12.49 -13.21 -12.23
N ASN B 35 12.17 -14.13 -11.32
CA ASN B 35 12.08 -15.52 -11.71
C ASN B 35 10.67 -16.07 -11.62
N ILE B 36 9.68 -15.20 -11.71
CA ILE B 36 8.30 -15.66 -11.70
C ILE B 36 7.84 -15.64 -13.15
N LYS B 37 7.45 -16.81 -13.63
CA LYS B 37 7.01 -16.96 -15.02
C LYS B 37 5.72 -16.21 -15.26
N GLU B 38 4.75 -16.48 -14.39
CA GLU B 38 3.41 -15.89 -14.37
C GLU B 38 2.86 -15.97 -12.97
N TYR B 39 1.91 -15.09 -12.64
CA TYR B 39 1.27 -15.06 -11.34
C TYR B 39 -0.11 -14.43 -11.45
N SER B 40 -0.97 -14.74 -10.48
CA SER B 40 -2.30 -14.17 -10.39
C SER B 40 -2.29 -13.50 -9.00
N GLY B 41 -3.19 -12.58 -8.75
CA GLY B 41 -3.18 -11.90 -7.45
C GLY B 41 -2.64 -10.47 -7.51
N SER B 42 -2.19 -9.94 -6.38
CA SER B 42 -1.73 -8.55 -6.34
C SER B 42 -0.36 -8.31 -5.72
N VAL B 43 0.35 -7.30 -6.23
CA VAL B 43 1.60 -6.86 -5.62
C VAL B 43 1.49 -5.35 -5.62
N ALA B 44 2.04 -4.73 -4.58
CA ALA B 44 2.02 -3.29 -4.44
C ALA B 44 3.23 -2.84 -3.65
N MET B 45 3.97 -1.89 -4.23
CA MET B 45 5.14 -1.34 -3.57
C MET B 45 4.95 0.16 -3.58
N LYS B 46 5.15 0.78 -2.41
CA LYS B 46 4.94 2.19 -2.27
C LYS B 46 5.98 2.92 -1.45
N PHE B 47 6.30 4.12 -1.87
CA PHE B 47 7.20 4.99 -1.13
C PHE B 47 6.39 6.27 -0.92
N ASP B 48 6.22 6.67 0.33
CA ASP B 48 5.41 7.86 0.57
C ASP B 48 6.14 9.03 1.14
N GLY B 49 7.47 9.00 1.05
CA GLY B 49 8.30 10.07 1.56
C GLY B 49 8.93 9.75 2.90
N GLU B 50 8.29 8.88 3.64
CA GLU B 50 8.79 8.53 4.95
C GLU B 50 9.02 7.03 5.13
N LYS B 51 8.35 6.19 4.33
CA LYS B 51 8.53 4.74 4.46
C LYS B 51 8.35 4.02 3.13
N ILE B 52 8.92 2.82 2.98
CA ILE B 52 8.71 2.02 1.74
C ILE B 52 7.98 0.78 2.23
N THR B 53 6.88 0.42 1.58
CA THR B 53 6.13 -0.76 1.99
C THR B 53 5.98 -1.62 0.73
N PHE B 54 5.81 -2.91 0.98
CA PHE B 54 5.63 -3.91 -0.07
C PHE B 54 4.65 -4.92 0.46
N ASP B 55 3.71 -5.32 -0.38
CA ASP B 55 2.78 -6.37 0.01
C ASP B 55 2.52 -7.21 -1.24
N ALA B 56 2.43 -8.50 -1.03
CA ALA B 56 2.14 -9.44 -2.10
C ALA B 56 1.14 -10.47 -1.60
N ASP B 57 0.22 -10.84 -2.49
CA ASP B 57 -0.76 -11.92 -2.18
C ASP B 57 -0.93 -12.50 -3.57
N ILE B 58 0.01 -13.32 -3.98
CA ILE B 58 0.00 -13.88 -5.34
C ILE B 58 -0.13 -15.41 -5.35
N GLN B 59 -0.67 -15.91 -6.45
CA GLN B 59 -0.90 -17.34 -6.58
C GLN B 59 -0.51 -17.80 -7.98
N ASN B 60 -0.68 -19.09 -8.23
CA ASN B 60 -0.37 -19.63 -9.54
C ASN B 60 1.05 -19.40 -9.98
N LEU B 61 1.99 -19.50 -9.03
CA LEU B 61 3.38 -19.25 -9.34
C LEU B 61 4.12 -20.47 -9.91
N SER B 62 5.10 -20.20 -10.78
CA SER B 62 6.01 -21.22 -11.36
C SER B 62 7.25 -20.39 -11.75
N PRO B 63 8.47 -20.96 -11.59
CA PRO B 63 9.67 -20.20 -11.94
C PRO B 63 9.89 -20.04 -13.43
N LYS B 64 10.55 -18.94 -13.78
CA LYS B 64 10.88 -18.66 -15.18
C LYS B 64 11.93 -19.68 -15.62
N GLU B 65 12.84 -20.04 -14.72
CA GLU B 65 13.91 -21.03 -14.98
C GLU B 65 13.78 -22.14 -13.91
N PRO B 66 12.83 -23.08 -14.09
CA PRO B 66 12.60 -24.19 -13.14
C PRO B 66 13.81 -25.02 -12.76
N GLU B 67 14.57 -25.39 -13.78
CA GLU B 67 15.78 -26.20 -13.65
C GLU B 67 16.84 -25.53 -12.77
N ARG B 68 17.08 -24.24 -13.01
CA ARG B 68 18.09 -23.50 -12.25
C ARG B 68 17.88 -23.36 -10.73
N GLY B 69 16.72 -23.74 -10.22
CA GLY B 69 16.49 -23.63 -8.79
C GLY B 69 16.65 -22.18 -8.31
N GLY B 70 16.76 -21.97 -7.00
CA GLY B 70 16.92 -20.61 -6.49
C GLY B 70 15.60 -19.93 -6.14
N VAL B 71 15.64 -18.61 -5.89
CA VAL B 71 14.41 -17.90 -5.49
C VAL B 71 13.52 -17.39 -6.63
N LEU B 72 12.32 -16.91 -6.28
CA LEU B 72 11.40 -16.39 -7.27
C LEU B 72 11.56 -14.91 -7.53
N GLY B 73 11.88 -14.13 -6.49
CA GLY B 73 11.99 -12.70 -6.68
C GLY B 73 12.73 -12.02 -5.53
N TYR B 74 12.93 -10.70 -5.67
CA TYR B 74 13.69 -9.91 -4.70
C TYR B 74 13.26 -8.43 -4.67
N PRO B 75 12.01 -8.16 -4.27
CA PRO B 75 11.57 -6.76 -4.22
C PRO B 75 12.54 -6.03 -3.33
N GLU B 76 12.94 -4.82 -3.72
CA GLU B 76 14.01 -4.19 -2.94
C GLU B 76 14.13 -2.74 -3.36
N PHE B 77 14.98 -2.03 -2.64
CA PHE B 77 15.35 -0.69 -3.06
C PHE B 77 16.89 -0.69 -2.96
N TYR B 78 17.56 0.18 -3.71
CA TYR B 78 19.02 0.19 -3.68
C TYR B 78 19.61 1.55 -3.92
N TYR B 79 20.83 1.71 -3.44
CA TYR B 79 21.60 2.92 -3.56
C TYR B 79 22.78 2.54 -4.45
N GLY B 80 22.97 3.26 -5.55
CA GLY B 80 24.08 2.89 -6.41
C GLY B 80 23.65 2.26 -7.74
N TYR B 81 24.62 1.60 -8.37
CA TYR B 81 24.51 0.99 -9.68
C TYR B 81 24.43 -0.53 -9.67
N LYS B 82 23.29 -1.11 -10.06
CA LYS B 82 23.11 -2.57 -10.15
C LYS B 82 23.59 -3.00 -11.51
N PRO B 83 24.73 -3.70 -11.55
CA PRO B 83 25.29 -4.14 -12.83
C PRO B 83 24.31 -4.88 -13.74
N TRP B 84 23.59 -5.85 -13.20
CA TRP B 84 22.64 -6.63 -14.01
C TRP B 84 21.49 -5.78 -14.56
N GLU B 85 21.18 -4.65 -13.94
CA GLU B 85 20.12 -3.80 -14.45
C GLU B 85 20.69 -2.63 -15.27
N ASN B 86 22.03 -2.50 -15.27
CA ASN B 86 22.72 -1.39 -15.97
C ASN B 86 22.00 -0.10 -15.58
N HIS B 87 21.80 0.11 -14.28
CA HIS B 87 21.07 1.29 -13.84
C HIS B 87 21.50 1.83 -12.50
N THR B 88 21.55 3.16 -12.41
CA THR B 88 21.79 3.84 -11.15
C THR B 88 21.05 5.15 -11.28
N ALA B 89 20.49 5.61 -10.17
CA ALA B 89 19.82 6.89 -10.10
C ALA B 89 20.99 7.91 -10.14
N GLU B 90 20.72 9.16 -10.52
CA GLU B 90 21.80 10.13 -10.53
C GLU B 90 22.11 10.61 -9.10
N GLY B 91 23.38 10.91 -8.84
CA GLY B 91 23.76 11.43 -7.55
C GLY B 91 24.30 10.44 -6.54
N SER B 92 24.41 9.17 -6.91
CA SER B 92 24.94 8.19 -5.99
C SER B 92 26.43 8.40 -5.89
N LYS B 93 27.02 8.12 -4.73
CA LYS B 93 28.47 8.20 -4.60
C LYS B 93 29.10 6.93 -5.14
N LEU B 94 28.31 5.84 -5.24
CA LEU B 94 28.84 4.57 -5.78
C LEU B 94 28.67 4.54 -7.32
N PRO B 95 29.47 3.73 -8.02
CA PRO B 95 30.51 2.83 -7.51
C PRO B 95 31.84 3.50 -7.08
N VAL B 96 32.51 2.91 -6.08
CA VAL B 96 33.82 3.37 -5.68
C VAL B 96 34.69 2.14 -5.41
N PRO B 97 36.02 2.29 -5.60
CA PRO B 97 36.89 1.14 -5.33
C PRO B 97 36.73 0.75 -3.84
N VAL B 98 36.79 -0.55 -3.58
CA VAL B 98 36.69 -1.03 -2.21
C VAL B 98 37.81 -0.40 -1.35
N SER B 99 39.02 -0.32 -1.93
CA SER B 99 40.18 0.30 -1.23
C SER B 99 39.91 1.73 -0.78
N SER B 100 38.99 2.44 -1.42
CA SER B 100 38.76 3.82 -1.03
C SER B 100 37.70 3.94 0.04
N MET B 101 37.11 2.80 0.41
CA MET B 101 36.09 2.81 1.43
C MET B 101 36.62 2.71 2.83
N LYS B 102 36.54 3.82 3.57
CA LYS B 102 36.95 3.79 4.96
C LYS B 102 35.84 3.11 5.80
N SER B 103 34.58 3.51 5.55
CA SER B 103 33.45 2.96 6.27
C SER B 103 32.19 3.23 5.48
N PHE B 104 31.20 2.38 5.64
CA PHE B 104 29.93 2.56 4.95
C PHE B 104 28.85 2.10 5.93
N SER B 105 28.33 3.07 6.70
CA SER B 105 27.32 2.81 7.69
C SER B 105 25.94 2.85 7.06
N VAL B 106 25.17 1.81 7.33
CA VAL B 106 23.81 1.70 6.82
C VAL B 106 22.88 1.49 8.04
N GLU B 107 21.77 2.21 8.09
CA GLU B 107 20.84 2.04 9.17
C GLU B 107 19.43 1.99 8.62
N VAL B 108 18.61 1.10 9.12
CA VAL B 108 17.20 1.02 8.68
C VAL B 108 16.36 0.26 9.69
N SER B 109 15.08 0.59 9.83
CA SER B 109 14.19 -0.17 10.72
C SER B 109 13.31 -0.98 9.75
N PHE B 110 12.88 -2.16 10.16
CA PHE B 110 12.12 -2.98 9.25
C PHE B 110 11.13 -3.81 10.02
N ASP B 111 10.10 -4.27 9.31
CA ASP B 111 9.08 -5.12 9.92
C ASP B 111 8.63 -6.00 8.76
N ILE B 112 8.89 -7.28 8.90
CA ILE B 112 8.59 -8.24 7.88
C ILE B 112 7.55 -9.23 8.35
N HIS B 113 6.56 -9.53 7.49
CA HIS B 113 5.58 -10.52 7.87
C HIS B 113 5.41 -11.48 6.68
N HIS B 114 5.09 -12.74 6.96
CA HIS B 114 4.94 -13.73 5.90
C HIS B 114 4.22 -14.97 6.44
N GLU B 115 3.57 -15.71 5.54
CA GLU B 115 2.90 -16.94 5.92
C GLU B 115 4.05 -17.86 6.33
N PRO B 116 3.82 -18.79 7.29
CA PRO B 116 4.89 -19.67 7.75
C PRO B 116 5.69 -20.55 6.81
N SER B 117 5.09 -21.04 5.73
CA SER B 117 5.82 -21.93 4.83
C SER B 117 6.70 -21.26 3.74
N LEU B 118 6.55 -19.95 3.56
CA LEU B 118 7.25 -19.22 2.49
C LEU B 118 8.75 -19.00 2.67
N PRO B 119 9.56 -19.45 1.70
CA PRO B 119 11.00 -19.24 1.77
C PRO B 119 11.19 -17.70 1.65
N LEU B 120 11.94 -17.10 2.57
CA LEU B 120 12.12 -15.66 2.52
C LEU B 120 13.28 -15.25 3.36
N ASN B 121 13.90 -14.14 2.98
CA ASN B 121 14.97 -13.60 3.83
C ASN B 121 14.84 -12.07 3.85
N PHE B 122 15.58 -11.42 4.74
CA PHE B 122 15.69 -9.94 4.73
C PHE B 122 17.18 -9.90 4.39
N ALA B 123 17.48 -9.51 3.15
CA ALA B 123 18.86 -9.55 2.73
C ALA B 123 19.30 -8.33 2.02
N MET B 124 20.54 -7.92 2.30
CA MET B 124 21.12 -6.79 1.62
C MET B 124 22.28 -7.30 0.82
N GLU B 125 22.69 -6.57 -0.21
CA GLU B 125 23.84 -7.07 -0.95
C GLU B 125 24.49 -6.06 -1.85
N THR B 126 25.72 -6.37 -2.22
CA THR B 126 26.44 -5.52 -3.15
C THR B 126 27.01 -6.46 -4.19
N TRP B 127 27.50 -5.86 -5.25
CA TRP B 127 28.18 -6.56 -6.31
C TRP B 127 29.57 -5.87 -6.45
N LEU B 128 30.63 -6.66 -6.32
CA LEU B 128 31.99 -6.12 -6.50
C LEU B 128 32.42 -6.48 -7.94
N THR B 129 32.79 -5.51 -8.75
CA THR B 129 33.16 -5.85 -10.14
C THR B 129 34.52 -5.28 -10.52
N ARG B 130 35.18 -5.92 -11.48
CA ARG B 130 36.52 -5.51 -11.90
C ARG B 130 36.49 -4.11 -12.56
N GLU B 131 35.52 -3.85 -13.42
CA GLU B 131 35.39 -2.55 -14.04
C GLU B 131 34.25 -1.79 -13.32
N LYS B 132 34.22 -0.49 -13.49
CA LYS B 132 33.24 0.33 -12.79
C LYS B 132 31.81 0.11 -13.21
N TYR B 133 31.51 0.04 -14.50
CA TYR B 133 30.11 -0.11 -14.87
C TYR B 133 29.83 -1.31 -15.73
N GLN B 134 30.01 -2.50 -15.17
CA GLN B 134 29.74 -3.71 -15.93
C GLN B 134 28.24 -3.89 -16.10
N THR B 135 27.84 -4.74 -17.05
CA THR B 135 26.43 -5.05 -17.26
C THR B 135 26.20 -6.52 -16.92
N GLU B 136 27.20 -7.13 -16.30
CA GLU B 136 27.09 -8.51 -15.86
C GLU B 136 28.19 -8.73 -14.83
N ALA B 137 28.17 -9.86 -14.17
CA ALA B 137 29.22 -10.23 -13.25
C ALA B 137 29.66 -11.59 -13.80
N SER B 138 30.96 -11.89 -13.74
CA SER B 138 31.48 -13.19 -14.22
C SER B 138 32.72 -13.48 -13.41
N ILE B 139 33.46 -14.54 -13.75
CA ILE B 139 34.65 -14.93 -12.98
C ILE B 139 35.57 -13.78 -12.66
N GLY B 140 35.82 -13.59 -11.36
CA GLY B 140 36.65 -12.48 -10.92
C GLY B 140 35.80 -11.47 -10.18
N ASP B 141 34.48 -11.55 -10.32
CA ASP B 141 33.59 -10.63 -9.62
C ASP B 141 32.95 -11.31 -8.38
N VAL B 142 32.30 -10.55 -7.51
CA VAL B 142 31.71 -11.09 -6.29
C VAL B 142 30.37 -10.46 -5.95
N GLU B 143 29.46 -11.32 -5.48
CA GLU B 143 28.15 -10.92 -5.00
C GLU B 143 28.26 -11.17 -3.50
N ILE B 144 28.08 -10.14 -2.69
CA ILE B 144 28.13 -10.34 -1.26
C ILE B 144 26.82 -9.94 -0.63
N MET B 145 26.23 -10.86 0.14
CA MET B 145 24.94 -10.61 0.77
C MET B 145 25.08 -10.64 2.28
N VAL B 146 24.16 -9.96 2.96
CA VAL B 146 24.11 -9.85 4.41
C VAL B 146 22.67 -10.10 4.77
N TRP B 147 22.43 -11.25 5.40
CA TRP B 147 21.07 -11.64 5.75
C TRP B 147 20.77 -11.43 7.23
N PHE B 148 19.83 -10.54 7.54
CA PHE B 148 19.48 -10.36 8.95
C PHE B 148 18.34 -11.29 9.35
N TYR B 149 17.62 -11.85 8.38
CA TYR B 149 16.52 -12.74 8.73
C TYR B 149 16.35 -13.77 7.64
N PHE B 150 15.81 -14.94 7.99
CA PHE B 150 15.48 -15.93 6.98
C PHE B 150 14.40 -16.86 7.54
N ASN B 151 13.64 -17.47 6.64
CA ASN B 151 12.60 -18.44 7.00
C ASN B 151 12.62 -19.43 5.87
N ASN B 152 12.82 -20.71 6.19
CA ASN B 152 12.83 -21.80 5.20
C ASN B 152 13.64 -21.44 3.95
N LEU B 153 14.84 -20.88 4.15
CA LEU B 153 15.67 -20.45 3.04
C LEU B 153 17.14 -20.51 3.44
N THR B 154 17.92 -21.21 2.64
CA THR B 154 19.34 -21.27 2.92
C THR B 154 20.04 -20.50 1.80
N PRO B 155 21.23 -19.98 2.09
CA PRO B 155 21.95 -19.22 1.06
C PRO B 155 22.42 -20.21 0.01
N GLY B 156 22.81 -19.72 -1.16
CA GLY B 156 23.35 -20.67 -2.13
C GLY B 156 24.71 -21.21 -1.67
N GLY B 157 25.20 -22.27 -2.31
CA GLY B 157 26.49 -22.82 -1.94
C GLY B 157 26.52 -23.65 -0.66
N GLU B 158 27.58 -23.47 0.13
CA GLU B 158 27.68 -24.23 1.38
C GLU B 158 28.34 -23.32 2.39
N LYS B 159 28.06 -23.60 3.66
CA LYS B 159 28.60 -22.83 4.77
C LYS B 159 30.07 -23.18 4.84
N ILE B 160 30.95 -22.18 4.89
CA ILE B 160 32.38 -22.49 5.00
C ILE B 160 33.02 -21.91 6.27
N GLU B 161 32.46 -20.80 6.77
CA GLU B 161 33.03 -20.14 7.94
C GLU B 161 32.01 -19.45 8.82
N GLU B 162 32.47 -18.99 9.98
CA GLU B 162 31.63 -18.18 10.86
C GLU B 162 32.49 -16.95 11.22
N PHE B 163 31.85 -15.79 11.36
CA PHE B 163 32.55 -14.58 11.72
C PHE B 163 31.76 -13.88 12.79
N THR B 164 32.47 -13.23 13.71
CA THR B 164 31.82 -12.47 14.77
C THR B 164 31.95 -11.04 14.30
N ILE B 165 30.82 -10.42 13.97
CA ILE B 165 30.81 -9.06 13.46
C ILE B 165 29.76 -8.24 14.19
N PRO B 166 30.16 -7.10 14.75
CA PRO B 166 29.26 -6.20 15.49
C PRO B 166 28.27 -5.43 14.63
N PHE B 167 27.14 -5.06 15.25
CA PHE B 167 26.09 -4.25 14.63
C PHE B 167 25.23 -3.68 15.75
N VAL B 168 24.45 -2.64 15.47
CA VAL B 168 23.60 -2.07 16.50
C VAL B 168 22.17 -2.52 16.26
N LEU B 169 21.59 -3.18 17.27
CA LEU B 169 20.23 -3.69 17.17
C LEU B 169 19.35 -2.92 18.16
N ASN B 170 18.48 -2.06 17.64
CA ASN B 170 17.59 -1.27 18.49
C ASN B 170 18.40 -0.45 19.49
N GLY B 171 19.43 0.20 18.97
CA GLY B 171 20.27 1.06 19.79
C GLY B 171 21.22 0.34 20.74
N GLU B 172 21.23 -1.00 20.77
CA GLU B 172 22.16 -1.73 21.63
C GLU B 172 23.22 -2.40 20.74
N SER B 173 24.50 -2.27 21.09
CA SER B 173 25.55 -2.90 20.30
C SER B 173 25.56 -4.40 20.63
N VAL B 174 25.62 -5.24 19.61
CA VAL B 174 25.65 -6.69 19.82
C VAL B 174 26.72 -7.34 18.93
N GLU B 175 27.28 -8.46 19.39
CA GLU B 175 28.30 -9.17 18.62
C GLU B 175 27.58 -10.35 17.91
N GLY B 176 27.15 -10.12 16.67
CA GLY B 176 26.46 -11.18 15.95
C GLY B 176 27.40 -12.26 15.46
N THR B 177 26.88 -13.48 15.28
CA THR B 177 27.65 -14.60 14.75
C THR B 177 27.05 -14.77 13.36
N TRP B 178 27.89 -14.77 12.36
CA TRP B 178 27.41 -14.80 11.01
C TRP B 178 28.01 -15.96 10.30
N GLU B 179 27.18 -16.79 9.72
CA GLU B 179 27.73 -17.92 8.98
C GLU B 179 28.05 -17.35 7.60
N LEU B 180 29.19 -17.73 7.01
CA LEU B 180 29.55 -17.28 5.66
C LEU B 180 29.40 -18.47 4.72
N TRP B 181 28.53 -18.33 3.73
CA TRP B 181 28.23 -19.35 2.73
C TRP B 181 28.94 -18.91 1.46
N LEU B 182 29.52 -19.86 0.73
CA LEU B 182 30.23 -19.59 -0.51
C LEU B 182 29.75 -20.50 -1.61
N ALA B 183 29.55 -19.93 -2.79
CA ALA B 183 29.17 -20.66 -4.00
C ALA B 183 30.05 -20.09 -5.09
N GLU B 184 30.66 -20.95 -5.90
CA GLU B 184 31.48 -20.47 -7.00
C GLU B 184 30.65 -20.71 -8.25
N TRP B 185 29.87 -19.71 -8.66
CA TRP B 185 29.05 -19.85 -9.86
C TRP B 185 29.73 -19.09 -11.04
N GLY B 186 28.95 -18.39 -11.85
CA GLY B 186 29.53 -17.64 -12.96
C GLY B 186 30.34 -16.50 -12.37
N TRP B 187 30.12 -16.28 -11.06
CA TRP B 187 30.85 -15.29 -10.28
C TRP B 187 30.88 -15.94 -8.90
N ASP B 188 31.56 -15.29 -7.95
CA ASP B 188 31.60 -15.83 -6.62
C ASP B 188 30.43 -15.25 -5.83
N TYR B 189 29.75 -16.12 -5.09
CA TYR B 189 28.63 -15.72 -4.27
C TYR B 189 29.00 -15.96 -2.83
N LEU B 190 28.89 -14.91 -2.02
CA LEU B 190 29.17 -14.98 -0.61
C LEU B 190 27.93 -14.50 0.14
N ALA B 191 27.46 -15.25 1.15
CA ALA B 191 26.34 -14.74 1.92
C ALA B 191 26.66 -14.90 3.38
N PHE B 192 26.59 -13.79 4.13
CA PHE B 192 26.80 -13.77 5.58
C PHE B 192 25.41 -13.84 6.15
N ARG B 193 25.11 -14.90 6.90
CA ARG B 193 23.76 -15.08 7.41
C ARG B 193 23.77 -15.07 8.94
N LEU B 194 23.05 -14.13 9.50
CA LEU B 194 22.99 -13.99 10.96
C LEU B 194 22.37 -15.23 11.61
N LYS B 195 23.05 -15.81 12.59
CA LYS B 195 22.54 -17.03 13.27
C LYS B 195 21.34 -16.78 14.22
N ASP B 196 21.16 -15.53 14.64
CA ASP B 196 20.00 -15.18 15.49
C ASP B 196 19.17 -14.26 14.58
N PRO B 197 18.43 -14.85 13.62
CA PRO B 197 17.64 -14.01 12.71
C PRO B 197 16.66 -13.05 13.38
N VAL B 198 16.56 -11.83 12.84
CA VAL B 198 15.68 -10.78 13.35
C VAL B 198 14.61 -10.41 12.31
N LYS B 199 13.35 -10.54 12.70
CA LYS B 199 12.22 -10.30 11.83
C LYS B 199 11.74 -8.85 11.81
N LYS B 200 12.03 -8.14 12.88
CA LYS B 200 11.61 -6.77 13.01
C LYS B 200 12.53 -6.08 14.00
N GLY B 201 12.91 -4.85 13.67
CA GLY B 201 13.74 -4.09 14.58
C GLY B 201 14.44 -2.98 13.83
N ARG B 202 15.48 -2.42 14.43
CA ARG B 202 16.25 -1.38 13.77
C ARG B 202 17.73 -1.77 13.82
N VAL B 203 18.41 -1.78 12.68
CA VAL B 203 19.82 -2.13 12.68
C VAL B 203 20.68 -1.05 12.04
N LYS B 204 21.89 -0.88 12.55
CA LYS B 204 22.85 0.07 11.99
C LYS B 204 24.14 -0.73 12.03
N PHE B 205 24.84 -0.79 10.91
CA PHE B 205 26.07 -1.56 10.86
C PHE B 205 26.99 -1.00 9.81
N ASP B 206 28.25 -1.42 9.85
CA ASP B 206 29.21 -0.91 8.90
C ASP B 206 29.49 -1.95 7.87
N VAL B 207 29.06 -1.72 6.64
CA VAL B 207 29.32 -2.70 5.58
C VAL B 207 30.83 -3.05 5.49
N ARG B 208 31.72 -2.12 5.84
CA ARG B 208 33.16 -2.40 5.73
C ARG B 208 33.59 -3.65 6.50
N HIS B 209 32.95 -3.94 7.61
CA HIS B 209 33.31 -5.15 8.40
C HIS B 209 33.05 -6.40 7.56
N PHE B 210 31.96 -6.41 6.81
CA PHE B 210 31.65 -7.54 5.90
C PHE B 210 32.62 -7.63 4.72
N LEU B 211 33.06 -6.48 4.20
CA LEU B 211 34.02 -6.48 3.10
C LEU B 211 35.34 -7.03 3.64
N ASP B 212 35.73 -6.59 4.83
CA ASP B 212 36.98 -7.08 5.41
C ASP B 212 36.91 -8.60 5.55
N ALA B 213 35.81 -9.11 6.08
CA ALA B 213 35.71 -10.58 6.26
C ALA B 213 35.71 -11.33 4.91
N ALA B 214 34.96 -10.83 3.95
CA ALA B 214 34.91 -11.44 2.63
C ALA B 214 36.32 -11.46 2.05
N GLY B 215 37.07 -10.38 2.25
CA GLY B 215 38.42 -10.33 1.71
C GLY B 215 39.28 -11.43 2.30
N LYS B 216 39.22 -11.60 3.61
CA LYS B 216 40.00 -12.68 4.22
C LYS B 216 39.53 -14.00 3.63
N ALA B 217 38.22 -14.19 3.54
CA ALA B 217 37.70 -15.45 2.99
C ALA B 217 38.13 -15.75 1.57
N LEU B 218 38.32 -14.72 0.76
CA LEU B 218 38.71 -14.91 -0.63
C LEU B 218 40.22 -14.74 -0.86
N SER B 219 40.98 -14.65 0.22
CA SER B 219 42.40 -14.36 0.05
C SER B 219 43.18 -15.42 -0.71
N SER B 220 42.71 -16.67 -0.65
CA SER B 220 43.43 -17.72 -1.37
C SER B 220 42.65 -18.20 -2.62
N SER B 221 41.66 -17.43 -3.08
CA SER B 221 40.86 -17.83 -4.26
C SER B 221 41.67 -17.81 -5.55
N ALA B 222 41.34 -18.71 -6.47
CA ALA B 222 41.99 -18.75 -7.79
C ALA B 222 41.15 -17.93 -8.76
N ARG B 223 39.95 -17.55 -8.34
CA ARG B 223 39.01 -16.80 -9.18
C ARG B 223 38.98 -15.33 -8.89
N VAL B 224 38.97 -14.97 -7.61
CA VAL B 224 38.94 -13.55 -7.29
C VAL B 224 40.32 -13.09 -6.89
N LYS B 225 40.81 -12.04 -7.55
CA LYS B 225 42.12 -11.47 -7.20
C LYS B 225 42.03 -9.98 -6.92
N ASP B 226 43.00 -9.44 -6.17
CA ASP B 226 43.03 -8.03 -5.85
C ASP B 226 41.65 -7.54 -5.41
N PHE B 227 41.09 -8.24 -4.41
CA PHE B 227 39.77 -7.91 -3.86
C PHE B 227 39.57 -6.42 -3.59
N GLU B 228 40.57 -5.76 -2.99
CA GLU B 228 40.44 -4.34 -2.66
C GLU B 228 40.36 -3.41 -3.86
N ASP B 229 40.70 -3.89 -5.06
CA ASP B 229 40.63 -3.01 -6.25
C ASP B 229 39.28 -3.11 -6.94
N LEU B 230 38.47 -4.08 -6.53
CA LEU B 230 37.15 -4.24 -7.12
C LEU B 230 36.28 -3.03 -6.78
N TYR B 231 35.33 -2.75 -7.67
CA TYR B 231 34.41 -1.64 -7.45
C TYR B 231 33.21 -2.08 -6.61
N PHE B 232 32.94 -1.36 -5.52
CA PHE B 232 31.77 -1.64 -4.66
C PHE B 232 30.70 -0.83 -5.42
N THR B 233 29.85 -1.51 -6.15
CA THR B 233 28.88 -0.81 -7.00
C THR B 233 27.56 -0.36 -6.41
N VAL B 234 27.02 -1.07 -5.41
CA VAL B 234 25.66 -0.75 -4.98
C VAL B 234 25.42 -1.35 -3.60
N TRP B 235 24.34 -0.91 -2.97
CA TRP B 235 23.90 -1.53 -1.73
C TRP B 235 22.39 -1.72 -1.95
N GLU B 236 21.98 -2.99 -2.03
CA GLU B 236 20.58 -3.37 -2.23
C GLU B 236 19.99 -3.83 -0.89
N ILE B 237 18.72 -3.51 -0.67
CA ILE B 237 18.06 -3.91 0.56
C ILE B 237 16.69 -4.46 0.20
N GLY B 238 16.39 -5.69 0.58
CA GLY B 238 15.08 -6.19 0.22
C GLY B 238 14.84 -7.55 0.79
N THR B 239 13.93 -8.32 0.16
CA THR B 239 13.62 -9.64 0.63
C THR B 239 13.51 -10.61 -0.50
N GLU B 240 14.41 -11.59 -0.54
CA GLU B 240 14.31 -12.63 -1.55
C GLU B 240 13.17 -13.53 -1.10
N PHE B 241 12.44 -14.15 -2.03
CA PHE B 241 11.40 -15.06 -1.51
C PHE B 241 11.15 -16.15 -2.53
N GLY B 242 10.57 -17.24 -2.04
CA GLY B 242 10.25 -18.35 -2.91
C GLY B 242 11.34 -19.36 -3.23
N SER B 243 10.88 -20.54 -3.68
CA SER B 243 11.77 -21.63 -4.11
C SER B 243 11.16 -22.11 -5.43
N PRO B 244 11.80 -23.03 -6.15
CA PRO B 244 11.21 -23.50 -7.40
C PRO B 244 9.88 -24.20 -7.16
N GLU B 245 9.58 -24.60 -5.92
CA GLU B 245 8.32 -25.30 -5.65
C GLU B 245 7.22 -24.43 -5.04
N THR B 246 7.49 -23.14 -4.85
CA THR B 246 6.50 -22.26 -4.25
C THR B 246 5.36 -21.99 -5.22
N LYS B 247 4.13 -22.17 -4.75
CA LYS B 247 2.99 -21.94 -5.61
C LYS B 247 2.17 -20.66 -5.35
N SER B 248 2.29 -20.11 -4.16
CA SER B 248 1.60 -18.88 -3.83
C SER B 248 2.46 -18.20 -2.78
N ALA B 249 2.27 -16.90 -2.59
CA ALA B 249 3.10 -16.19 -1.64
C ALA B 249 2.32 -15.03 -1.07
N GLN B 250 2.33 -14.94 0.25
CA GLN B 250 1.63 -13.87 0.94
C GLN B 250 2.62 -13.33 1.95
N PHE B 251 3.04 -12.08 1.77
CA PHE B 251 3.96 -11.50 2.72
C PHE B 251 4.07 -10.04 2.41
N GLY B 252 4.79 -9.33 3.27
CA GLY B 252 4.98 -7.91 3.03
C GLY B 252 5.94 -7.35 4.06
N TRP B 253 6.30 -6.08 3.87
CA TRP B 253 7.20 -5.46 4.80
C TRP B 253 7.12 -3.97 4.75
N LYS B 254 7.84 -3.35 5.68
CA LYS B 254 7.92 -1.91 5.74
C LYS B 254 9.32 -1.57 6.19
N PHE B 255 9.93 -0.58 5.55
CA PHE B 255 11.27 -0.12 5.92
C PHE B 255 11.12 1.36 6.23
N GLU B 256 11.79 1.83 7.29
CA GLU B 256 11.74 3.24 7.70
C GLU B 256 13.09 3.63 8.27
N ASN B 257 13.24 4.90 8.67
CA ASN B 257 14.46 5.37 9.33
C ASN B 257 15.75 4.97 8.62
N PHE B 258 15.78 5.20 7.34
CA PHE B 258 16.92 4.83 6.53
C PHE B 258 17.97 5.94 6.45
N SER B 259 19.22 5.58 6.67
CA SER B 259 20.32 6.54 6.52
C SER B 259 21.59 5.79 6.09
N ILE B 260 22.45 6.48 5.36
CA ILE B 260 23.72 5.88 4.97
C ILE B 260 24.82 6.84 5.23
N ASP B 261 26.01 6.33 5.51
CA ASP B 261 27.14 7.23 5.71
C ASP B 261 28.36 6.56 5.11
N LEU B 262 28.73 7.03 3.93
CA LEU B 262 29.86 6.49 3.21
C LEU B 262 31.04 7.43 3.41
N GLU B 263 32.10 6.92 3.98
CA GLU B 263 33.32 7.69 4.22
C GLU B 263 34.36 7.08 3.31
N VAL B 264 34.78 7.82 2.27
CA VAL B 264 35.79 7.35 1.33
C VAL B 264 37.06 8.17 1.53
N ARG B 265 38.18 7.48 1.77
CA ARG B 265 39.43 8.17 2.00
C ARG B 265 40.00 8.75 0.73
#